data_3VEX
#
_entry.id   3VEX
#
_cell.length_a   98.648
_cell.length_b   98.648
_cell.length_c   280.229
_cell.angle_alpha   90.000
_cell.angle_beta   90.000
_cell.angle_gamma   120.000
#
_symmetry.space_group_name_H-M   'P 61 2 2'
#
loop_
_entity.id
_entity.type
_entity.pdbx_description
1 polymer 'O-carbamoyltransferase TobZ'
2 non-polymer 'FE (II) ION'
3 non-polymer "5'-O-[(S)-(carbamoyloxy)(hydroxy)phosphoryl]adenosine"
4 non-polymer 'SULFATE ION'
5 non-polymer 1,2-ETHANEDIOL
6 water water
#
_entity_poly.entity_id   1
_entity_poly.type   'polypeptide(L)'
_entity_poly.pdbx_seq_one_letter_code
;HHHHHHMRVLGLNGWPRDFNDASAALLVDGRIAAFAEEERFTRKKHGYNTAPVQAAAFCLAQAGLTVDDLDAVAFGWDLP
AMYRERLGGWPHSDSEALDILLPRDVFPRRTDPPLHFVQHHLAHAASAYYFSGEDRGAVLIVDGQGEEECVTLAHAEGGK
ITVLDTVPGAWSLGFFYEHVSEYTGLGGDNPGKLMGLAAHGTTVDETLSAFAFDSDGYRLNLIDPQARDPEDWDEYSVTE
RAWFAHLERIYRLPPNEFVRRYDPAKGRVVRDTRRDPYEYRDLAATAQAALERAVFGLADSVLARTGERTLFVAGGVGLN
ATMNGKLLTRSTVDKMFVPPVASDIGVSLGAAAAVAVELGDRIAPMGDTAAWGPEFSPDQVRAALDRTGLAYREPANLER
EVAALIASGKVVGWAQGRGEVGPRALGQRSLLGSAHSPTMRDHINLRVKDREWWRPFAPSMLRSVSDQVLEVDADFPYMI
MTTKVRAAYAERLPSVVHEDWSTRPQTVTEASNPRYHRMLTELGDLVGDPVCLNTSFNDRGEPIVSSPADALLTFSRLPI
DALAVGPYLVTKDLRH
;
_entity_poly.pdbx_strand_id   A
#
loop_
_chem_comp.id
_chem_comp.type
_chem_comp.name
_chem_comp.formula
CA0 non-polymer 5'-O-[(S)-(carbamoyloxy)(hydroxy)phosphoryl]adenosine 'C11 H15 N6 O8 P'
EDO non-polymer 1,2-ETHANEDIOL 'C2 H6 O2'
FE2 non-polymer 'FE (II) ION' 'Fe 2'
SO4 non-polymer 'SULFATE ION' 'O4 S -2'
#
# COMPACT_ATOMS: atom_id res chain seq x y z
N MET A 7 21.34 -1.28 17.39
CA MET A 7 20.76 -2.62 17.44
C MET A 7 20.36 -3.10 16.05
N ARG A 8 20.28 -4.42 15.88
CA ARG A 8 19.74 -4.99 14.66
C ARG A 8 18.45 -5.71 14.99
N VAL A 9 17.34 -5.23 14.44
CA VAL A 9 16.03 -5.77 14.81
C VAL A 9 15.29 -6.19 13.55
N LEU A 10 14.86 -7.45 13.51
CA LEU A 10 14.11 -7.95 12.37
C LEU A 10 12.63 -7.98 12.73
N GLY A 11 11.84 -7.19 12.00
CA GLY A 11 10.40 -7.15 12.21
C GLY A 11 9.70 -8.03 11.21
N LEU A 12 8.61 -8.66 11.63
CA LEU A 12 7.92 -9.64 10.81
C LEU A 12 6.41 -9.45 10.85
N ASN A 13 5.76 -9.81 9.74
CA ASN A 13 4.33 -9.99 9.71
C ASN A 13 4.04 -11.19 8.83
N GLY A 14 2.93 -11.86 9.09
CA GLY A 14 2.59 -13.05 8.33
C GLY A 14 2.70 -14.29 9.20
N TRP A 15 1.73 -15.18 9.05
CA TRP A 15 1.64 -16.38 9.88
C TRP A 15 0.87 -17.41 9.07
N PRO A 16 1.16 -18.70 9.27
CA PRO A 16 0.57 -19.71 8.38
C PRO A 16 -0.95 -19.84 8.50
N ARG A 17 -1.52 -19.38 9.60
CA ARG A 17 -2.94 -19.56 9.84
C ARG A 17 -3.72 -18.26 9.65
N ASP A 18 -4.54 -18.19 8.59
CA ASP A 18 -5.50 -17.11 8.38
C ASP A 18 -4.89 -15.70 8.52
N PHE A 19 -3.90 -15.42 7.69
CA PHE A 19 -3.15 -14.18 7.74
C PHE A 19 -2.94 -13.65 6.32
N ASN A 20 -2.65 -12.37 6.21
CA ASN A 20 -2.27 -11.81 4.92
C ASN A 20 -1.17 -10.76 5.10
N ASP A 21 -0.67 -10.25 3.98
CA ASP A 21 0.30 -9.17 3.94
C ASP A 21 1.61 -9.47 4.67
N ALA A 22 2.08 -10.71 4.50
CA ALA A 22 3.36 -11.09 5.08
C ALA A 22 4.48 -10.17 4.58
N SER A 23 5.35 -9.74 5.48
CA SER A 23 6.49 -8.91 5.10
C SER A 23 7.56 -8.99 6.17
N ALA A 24 8.74 -8.49 5.85
CA ALA A 24 9.84 -8.48 6.79
C ALA A 24 10.62 -7.19 6.61
N ALA A 25 11.07 -6.62 7.72
CA ALA A 25 11.83 -5.37 7.67
C ALA A 25 12.99 -5.49 8.66
N LEU A 26 14.16 -5.03 8.24
CA LEU A 26 15.33 -5.11 9.08
C LEU A 26 15.83 -3.71 9.40
N LEU A 27 15.83 -3.37 10.68
CA LEU A 27 16.40 -2.09 11.12
C LEU A 27 17.81 -2.30 11.68
N VAL A 28 18.76 -1.51 11.18
CA VAL A 28 20.11 -1.54 11.71
C VAL A 28 20.46 -0.14 12.25
N ASP A 29 20.61 -0.02 13.56
CA ASP A 29 20.87 1.27 14.19
C ASP A 29 19.84 2.32 13.74
N GLY A 30 18.58 1.92 13.67
CA GLY A 30 17.51 2.86 13.37
C GLY A 30 17.29 3.13 11.89
N ARG A 31 18.14 2.58 11.03
CA ARG A 31 18.00 2.77 9.60
C ARG A 31 17.42 1.53 8.95
N ILE A 32 16.64 1.72 7.89
CA ILE A 32 16.10 0.58 7.18
C ILE A 32 17.17 -0.06 6.29
N ALA A 33 17.67 -1.23 6.69
CA ALA A 33 18.67 -1.93 5.90
C ALA A 33 18.02 -2.65 4.72
N ALA A 34 16.81 -3.14 4.97
CA ALA A 34 16.05 -3.92 4.00
C ALA A 34 14.60 -4.04 4.46
N PHE A 35 13.69 -4.16 3.49
CA PHE A 35 12.27 -4.25 3.78
C PHE A 35 11.58 -4.73 2.52
N ALA A 36 10.79 -5.80 2.61
CA ALA A 36 10.07 -6.30 1.43
C ALA A 36 8.84 -7.11 1.80
N GLU A 37 7.91 -7.24 0.85
CA GLU A 37 6.70 -8.03 1.05
C GLU A 37 6.85 -9.43 0.46
N GLU A 38 6.33 -10.43 1.16
CA GLU A 38 6.45 -11.81 0.71
C GLU A 38 5.94 -12.03 -0.71
N GLU A 39 4.84 -11.36 -1.07
CA GLU A 39 4.22 -11.56 -2.38
C GLU A 39 5.17 -11.29 -3.54
N ARG A 40 6.15 -10.41 -3.34
CA ARG A 40 7.08 -10.07 -4.41
C ARG A 40 7.96 -11.24 -4.79
N PHE A 41 8.18 -12.14 -3.83
CA PHE A 41 9.06 -13.29 -4.02
C PHE A 41 8.29 -14.51 -4.48
N THR A 42 7.11 -14.69 -3.88
CA THR A 42 6.28 -15.87 -4.17
C THR A 42 5.52 -15.66 -5.46
N ARG A 43 5.38 -14.40 -5.87
CA ARG A 43 4.59 -14.01 -7.04
C ARG A 43 3.10 -14.28 -6.82
N LYS A 44 2.72 -14.49 -5.56
CA LYS A 44 1.30 -14.69 -5.22
C LYS A 44 0.80 -13.50 -4.42
N LYS A 45 -0.13 -12.75 -5.00
CA LYS A 45 -0.54 -11.46 -4.42
C LYS A 45 -1.07 -11.61 -2.99
N HIS A 46 -0.76 -10.62 -2.16
CA HIS A 46 -1.29 -10.48 -0.78
C HIS A 46 -0.57 -11.30 0.31
N GLY A 47 0.35 -12.17 -0.07
CA GLY A 47 1.13 -12.92 0.91
C GLY A 47 0.28 -13.64 1.94
N TYR A 48 -0.67 -14.45 1.47
CA TYR A 48 -1.64 -15.12 2.34
C TYR A 48 -1.05 -16.31 3.09
N ASN A 49 -1.46 -16.46 4.35
CA ASN A 49 -1.27 -17.72 5.08
C ASN A 49 0.17 -18.22 5.03
N THR A 50 1.11 -17.33 5.31
CA THR A 50 2.50 -17.70 5.29
C THR A 50 3.35 -16.83 6.19
N ALA A 51 4.33 -17.42 6.86
CA ALA A 51 5.41 -16.65 7.46
C ALA A 51 6.14 -15.95 6.31
N PRO A 52 6.75 -14.79 6.61
CA PRO A 52 7.46 -14.02 5.57
C PRO A 52 8.83 -14.64 5.29
N VAL A 53 8.84 -15.90 4.89
CA VAL A 53 10.08 -16.66 4.72
C VAL A 53 11.03 -16.01 3.69
N GLN A 54 10.54 -15.80 2.48
CA GLN A 54 11.40 -15.21 1.45
C GLN A 54 11.83 -13.78 1.76
N ALA A 55 10.90 -12.98 2.26
CA ALA A 55 11.21 -11.57 2.54
C ALA A 55 12.25 -11.45 3.66
N ALA A 56 12.13 -12.28 4.70
CA ALA A 56 13.11 -12.25 5.77
C ALA A 56 14.46 -12.79 5.29
N ALA A 57 14.44 -13.80 4.42
CA ALA A 57 15.69 -14.32 3.86
C ALA A 57 16.40 -13.22 3.06
N PHE A 58 15.64 -12.50 2.23
CA PHE A 58 16.17 -11.35 1.52
C PHE A 58 16.74 -10.30 2.47
N CYS A 59 15.99 -9.96 3.52
CA CYS A 59 16.47 -8.93 4.46
C CYS A 59 17.85 -9.26 5.01
N LEU A 60 18.01 -10.47 5.53
CA LEU A 60 19.29 -10.88 6.10
C LEU A 60 20.41 -10.92 5.05
N ALA A 61 20.10 -11.42 3.86
CA ALA A 61 21.07 -11.50 2.78
C ALA A 61 21.53 -10.11 2.40
N GLN A 62 20.57 -9.20 2.27
CA GLN A 62 20.89 -7.82 1.92
C GLN A 62 21.87 -7.20 2.90
N ALA A 63 21.66 -7.43 4.18
CA ALA A 63 22.46 -6.77 5.22
C ALA A 63 23.69 -7.59 5.59
N GLY A 64 23.84 -8.75 4.96
CA GLY A 64 24.94 -9.65 5.26
C GLY A 64 24.92 -10.21 6.67
N LEU A 65 23.73 -10.54 7.15
CA LEU A 65 23.54 -11.04 8.53
C LEU A 65 22.92 -12.43 8.55
N THR A 66 23.09 -13.12 9.69
CA THR A 66 22.30 -14.32 9.98
C THR A 66 21.41 -13.98 11.16
N VAL A 67 20.53 -14.92 11.53
CA VAL A 67 19.67 -14.72 12.71
C VAL A 67 20.48 -14.54 14.00
N ASP A 68 21.66 -15.17 14.07
CA ASP A 68 22.54 -15.03 15.23
C ASP A 68 23.07 -13.60 15.39
N ASP A 69 22.96 -12.80 14.35
CA ASP A 69 23.40 -11.41 14.43
C ASP A 69 22.30 -10.43 14.89
N LEU A 70 21.09 -10.94 15.09
CA LEU A 70 19.96 -10.07 15.44
C LEU A 70 19.89 -9.86 16.95
N ASP A 71 19.64 -8.62 17.37
CA ASP A 71 19.38 -8.36 18.78
C ASP A 71 17.98 -8.76 19.19
N ALA A 72 17.08 -8.80 18.22
CA ALA A 72 15.69 -9.13 18.51
C ALA A 72 14.90 -9.40 17.24
N VAL A 73 13.87 -10.21 17.39
CA VAL A 73 12.88 -10.43 16.35
C VAL A 73 11.54 -9.95 16.89
N ALA A 74 10.83 -9.19 16.07
CA ALA A 74 9.56 -8.57 16.49
C ALA A 74 8.45 -8.92 15.54
N PHE A 75 7.28 -9.25 16.08
CA PHE A 75 6.11 -9.58 15.27
C PHE A 75 5.01 -8.56 15.55
N GLY A 76 4.43 -8.02 14.48
CA GLY A 76 3.49 -6.89 14.59
C GLY A 76 2.05 -7.19 14.94
N TRP A 77 1.82 -8.25 15.71
CA TRP A 77 0.53 -8.53 16.33
C TRP A 77 0.81 -9.18 17.67
N ASP A 78 -0.11 -9.05 18.63
CA ASP A 78 0.00 -9.85 19.84
C ASP A 78 -0.61 -11.23 19.59
N LEU A 79 0.14 -12.07 18.89
CA LEU A 79 -0.35 -13.41 18.52
C LEU A 79 -0.71 -14.26 19.74
N PRO A 80 0.16 -14.28 20.77
CA PRO A 80 -0.20 -15.10 21.94
C PRO A 80 -1.57 -14.71 22.53
N ALA A 81 -1.86 -13.42 22.61
CA ALA A 81 -3.13 -12.99 23.19
C ALA A 81 -4.32 -13.40 22.32
N MET A 82 -4.12 -13.31 21.01
CA MET A 82 -5.14 -13.72 20.05
C MET A 82 -5.49 -15.20 20.20
N TYR A 83 -4.47 -16.05 20.32
CA TYR A 83 -4.68 -17.49 20.50
C TYR A 83 -5.35 -17.78 21.84
N ARG A 84 -4.90 -17.08 22.87
CA ARG A 84 -5.40 -17.34 24.22
CA ARG A 84 -5.37 -17.31 24.23
C ARG A 84 -6.84 -16.90 24.37
N GLU A 85 -7.17 -15.74 23.85
CA GLU A 85 -8.50 -15.18 24.01
C GLU A 85 -9.53 -15.69 23.01
N ARG A 86 -9.08 -16.08 21.83
CA ARG A 86 -10.02 -16.47 20.78
C ARG A 86 -9.94 -17.95 20.39
N LEU A 87 -8.79 -18.58 20.55
CA LEU A 87 -8.65 -19.94 20.04
C LEU A 87 -8.38 -21.00 21.11
N GLY A 88 -8.57 -20.64 22.37
CA GLY A 88 -8.45 -21.61 23.45
C GLY A 88 -7.04 -21.91 23.92
N GLY A 89 -6.08 -21.05 23.60
CA GLY A 89 -4.74 -21.19 24.15
C GLY A 89 -3.62 -20.98 23.13
N TRP A 90 -2.52 -20.41 23.62
CA TRP A 90 -1.30 -20.23 22.83
C TRP A 90 -0.38 -21.41 23.10
N PRO A 91 -0.18 -22.26 22.09
CA PRO A 91 0.51 -23.54 22.31
C PRO A 91 2.03 -23.53 22.10
N HIS A 92 2.61 -22.40 21.71
CA HIS A 92 3.99 -22.38 21.27
C HIS A 92 4.93 -21.71 22.27
N SER A 93 6.06 -22.36 22.56
CA SER A 93 7.16 -21.67 23.24
C SER A 93 7.69 -20.61 22.29
N ASP A 94 8.46 -19.65 22.79
CA ASP A 94 9.09 -18.70 21.88
C ASP A 94 9.94 -19.41 20.82
N SER A 95 10.61 -20.49 21.22
CA SER A 95 11.46 -21.23 20.29
CA SER A 95 11.45 -21.23 20.28
C SER A 95 10.61 -21.87 19.18
N GLU A 96 9.47 -22.43 19.55
CA GLU A 96 8.58 -23.06 18.57
C GLU A 96 7.95 -22.04 17.62
N ALA A 97 7.56 -20.90 18.19
CA ALA A 97 7.07 -19.79 17.36
C ALA A 97 8.13 -19.32 16.36
N LEU A 98 9.38 -19.23 16.82
CA LEU A 98 10.46 -18.80 15.94
C LEU A 98 10.68 -19.79 14.80
N ASP A 99 10.50 -21.08 15.10
CA ASP A 99 10.62 -22.13 14.09
C ASP A 99 9.57 -22.00 13.01
N ILE A 100 8.42 -21.42 13.36
CA ILE A 100 7.35 -21.20 12.39
C ILE A 100 7.59 -19.93 11.58
N LEU A 101 7.98 -18.86 12.28
CA LEU A 101 8.24 -17.57 11.64
C LEU A 101 9.51 -17.60 10.79
N LEU A 102 10.53 -18.29 11.29
CA LEU A 102 11.83 -18.33 10.63
C LEU A 102 12.34 -19.78 10.55
N PRO A 103 11.72 -20.59 9.69
CA PRO A 103 11.98 -22.03 9.60
C PRO A 103 13.48 -22.29 9.56
N ARG A 104 13.93 -23.25 10.36
CA ARG A 104 15.36 -23.51 10.47
C ARG A 104 16.06 -23.90 9.17
N ASP A 105 15.33 -24.47 8.22
CA ASP A 105 15.96 -24.89 6.96
C ASP A 105 16.38 -23.67 6.14
N VAL A 106 15.71 -22.55 6.36
CA VAL A 106 16.09 -21.31 5.69
C VAL A 106 16.89 -20.37 6.61
N PHE A 107 16.70 -20.50 7.92
CA PHE A 107 17.31 -19.60 8.90
C PHE A 107 18.05 -20.36 9.99
N PRO A 108 19.26 -20.85 9.67
CA PRO A 108 20.03 -21.59 10.66
C PRO A 108 20.40 -20.67 11.83
N ARG A 109 20.29 -21.17 13.05
CA ARG A 109 20.63 -20.35 14.21
C ARG A 109 21.22 -21.20 15.33
N ARG A 110 22.24 -20.65 16.00
CA ARG A 110 22.88 -21.31 17.13
C ARG A 110 21.98 -21.28 18.35
N THR A 111 21.27 -20.16 18.51
CA THR A 111 20.41 -19.93 19.65
C THR A 111 19.18 -19.15 19.20
N ASP A 112 18.24 -18.91 20.12
CA ASP A 112 17.05 -18.12 19.80
C ASP A 112 17.27 -16.64 20.08
N PRO A 113 16.99 -15.79 19.09
CA PRO A 113 16.96 -14.36 19.44
C PRO A 113 15.76 -14.07 20.33
N PRO A 114 15.82 -13.00 21.14
CA PRO A 114 14.64 -12.55 21.89
C PRO A 114 13.49 -12.34 20.92
N LEU A 115 12.30 -12.82 21.26
CA LEU A 115 11.13 -12.65 20.42
C LEU A 115 10.15 -11.70 21.09
N HIS A 116 9.68 -10.70 20.35
CA HIS A 116 8.79 -9.69 20.90
C HIS A 116 7.51 -9.62 20.07
N PHE A 117 6.36 -9.69 20.73
CA PHE A 117 5.09 -9.46 20.06
C PHE A 117 4.62 -8.05 20.40
N VAL A 118 4.29 -7.28 19.37
CA VAL A 118 3.93 -5.89 19.54
C VAL A 118 2.43 -5.75 19.21
N GLN A 119 1.69 -5.00 20.02
CA GLN A 119 0.26 -4.79 19.74
C GLN A 119 0.10 -4.28 18.33
N HIS A 120 -0.84 -4.86 17.59
CA HIS A 120 -1.02 -4.51 16.20
C HIS A 120 -1.10 -3.00 15.91
N HIS A 121 -1.97 -2.29 16.62
CA HIS A 121 -2.12 -0.87 16.34
C HIS A 121 -0.93 -0.04 16.79
N LEU A 122 -0.19 -0.55 17.78
CA LEU A 122 1.06 0.10 18.16
C LEU A 122 2.06 -0.05 17.00
N ALA A 123 2.11 -1.23 16.40
CA ALA A 123 2.99 -1.45 15.27
C ALA A 123 2.64 -0.51 14.10
N HIS A 124 1.36 -0.38 13.79
CA HIS A 124 0.90 0.55 12.76
C HIS A 124 1.37 1.96 13.13
N ALA A 125 1.12 2.38 14.37
CA ALA A 125 1.47 3.71 14.83
C ALA A 125 2.96 4.00 14.76
N ALA A 126 3.77 3.02 15.16
CA ALA A 126 5.21 3.17 15.08
C ALA A 126 5.68 3.34 13.63
N SER A 127 5.01 2.66 12.69
CA SER A 127 5.38 2.75 11.27
C SER A 127 5.14 4.16 10.69
N ALA A 128 4.24 4.93 11.32
CA ALA A 128 4.01 6.30 10.91
C ALA A 128 4.91 7.27 11.68
N TYR A 129 4.76 7.28 13.00
CA TYR A 129 5.43 8.28 13.85
C TYR A 129 6.95 8.28 13.71
N TYR A 130 7.58 7.13 13.95
CA TYR A 130 9.04 7.09 14.02
C TYR A 130 9.73 7.38 12.70
N PHE A 131 9.01 7.19 11.59
CA PHE A 131 9.61 7.36 10.28
C PHE A 131 9.23 8.68 9.60
N SER A 132 8.43 9.47 10.30
CA SER A 132 7.84 10.68 9.72
C SER A 132 8.80 11.87 9.66
N GLY A 133 9.83 11.85 10.49
CA GLY A 133 10.71 13.00 10.59
C GLY A 133 10.06 14.16 11.32
N GLU A 134 8.96 13.88 12.03
CA GLU A 134 8.29 14.88 12.85
C GLU A 134 8.40 14.51 14.33
N ASP A 135 8.60 15.52 15.18
CA ASP A 135 8.81 15.32 16.61
C ASP A 135 7.60 14.81 17.38
N ARG A 136 6.41 15.22 16.94
CA ARG A 136 5.20 14.92 17.70
C ARG A 136 3.96 15.11 16.84
N GLY A 137 2.85 14.51 17.26
CA GLY A 137 1.62 14.63 16.51
C GLY A 137 0.50 13.76 17.03
N ALA A 138 -0.66 13.91 16.41
CA ALA A 138 -1.80 13.09 16.70
C ALA A 138 -1.71 11.84 15.84
N VAL A 139 -2.09 10.71 16.42
CA VAL A 139 -2.03 9.42 15.72
C VAL A 139 -3.44 8.88 15.50
N LEU A 140 -3.75 8.58 14.25
CA LEU A 140 -5.02 7.97 13.92
C LEU A 140 -4.76 6.65 13.19
N ILE A 141 -5.08 5.53 13.82
CA ILE A 141 -4.96 4.22 13.18
C ILE A 141 -6.34 3.71 12.83
N VAL A 142 -6.56 3.42 11.55
CA VAL A 142 -7.84 2.90 11.10
C VAL A 142 -7.60 1.72 10.17
N ASP A 143 -8.04 0.54 10.57
CA ASP A 143 -7.83 -0.65 9.75
C ASP A 143 -9.04 -1.57 9.72
N GLY A 144 -8.83 -2.82 9.36
CA GLY A 144 -9.90 -3.80 9.42
C GLY A 144 -10.08 -4.10 10.89
N GLN A 145 -9.12 -4.83 11.45
CA GLN A 145 -9.12 -5.09 12.89
C GLN A 145 -7.74 -5.57 13.31
N GLY A 146 -7.26 -5.11 14.47
CA GLY A 146 -6.12 -5.72 15.12
C GLY A 146 -6.57 -6.94 15.91
N GLU A 147 -6.02 -7.11 17.11
CA GLU A 147 -6.44 -8.21 17.98
C GLU A 147 -7.88 -7.99 18.42
N GLU A 148 -8.25 -6.74 18.64
CA GLU A 148 -9.60 -6.44 19.09
CA GLU A 148 -9.58 -6.41 19.15
C GLU A 148 -10.16 -5.15 18.48
N GLU A 149 -9.42 -4.05 18.59
CA GLU A 149 -9.89 -2.76 18.11
C GLU A 149 -9.69 -2.53 16.59
N CYS A 150 -10.58 -1.73 16.01
CA CYS A 150 -10.47 -1.32 14.61
C CYS A 150 -10.03 0.14 14.45
N VAL A 151 -10.05 0.89 15.53
CA VAL A 151 -9.54 2.26 15.50
C VAL A 151 -8.74 2.53 16.76
N THR A 152 -7.62 3.22 16.62
CA THR A 152 -6.89 3.73 17.77
C THR A 152 -6.60 5.23 17.59
N LEU A 153 -6.86 6.01 18.63
CA LEU A 153 -6.45 7.41 18.68
C LEU A 153 -5.34 7.50 19.73
N ALA A 154 -4.22 8.08 19.35
CA ALA A 154 -3.09 8.12 20.27
C ALA A 154 -2.36 9.43 20.15
N HIS A 155 -1.48 9.67 21.11
CA HIS A 155 -0.66 10.87 21.12
C HIS A 155 0.78 10.45 20.92
N ALA A 156 1.42 10.96 19.88
CA ALA A 156 2.84 10.71 19.65
C ALA A 156 3.65 11.93 20.07
N GLU A 157 4.52 11.75 21.06
CA GLU A 157 5.38 12.84 21.52
C GLU A 157 6.50 12.31 22.39
N GLY A 158 7.65 12.96 22.33
CA GLY A 158 8.79 12.54 23.14
C GLY A 158 9.24 11.12 22.84
N GLY A 159 9.00 10.68 21.61
CA GLY A 159 9.39 9.34 21.19
C GLY A 159 8.50 8.27 21.80
N LYS A 160 7.38 8.68 22.37
CA LYS A 160 6.44 7.76 22.98
C LYS A 160 5.11 7.81 22.26
N ILE A 161 4.37 6.70 22.32
CA ILE A 161 3.03 6.64 21.76
C ILE A 161 2.04 6.23 22.84
N THR A 162 1.14 7.14 23.17
CA THR A 162 0.18 6.90 24.24
C THR A 162 -1.24 6.80 23.66
N VAL A 163 -1.90 5.68 23.89
CA VAL A 163 -3.26 5.46 23.38
C VAL A 163 -4.27 6.24 24.22
N LEU A 164 -5.17 6.95 23.54
CA LEU A 164 -6.20 7.74 24.21
C LEU A 164 -7.55 7.02 24.20
N ASP A 165 -7.85 6.35 23.09
CA ASP A 165 -9.13 5.65 22.98
C ASP A 165 -9.09 4.68 21.82
N THR A 166 -9.97 3.69 21.84
CA THR A 166 -10.07 2.76 20.72
C THR A 166 -11.55 2.55 20.35
N VAL A 167 -11.78 1.90 19.22
CA VAL A 167 -13.14 1.50 18.81
C VAL A 167 -13.10 0.00 18.56
N PRO A 168 -14.12 -0.71 19.06
CA PRO A 168 -14.14 -2.19 18.95
C PRO A 168 -14.35 -2.69 17.52
N GLY A 169 -13.85 -3.89 17.22
CA GLY A 169 -13.83 -4.42 15.86
C GLY A 169 -15.15 -4.45 15.09
N ALA A 170 -16.26 -4.71 15.78
CA ALA A 170 -17.54 -4.82 15.10
C ALA A 170 -17.92 -3.54 14.34
N TRP A 171 -17.35 -2.41 14.75
CA TRP A 171 -17.66 -1.13 14.11
C TRP A 171 -16.61 -0.71 13.08
N SER A 172 -15.84 -1.68 12.60
CA SER A 172 -14.73 -1.41 11.68
C SER A 172 -15.16 -0.70 10.40
N LEU A 173 -14.45 0.40 10.11
CA LEU A 173 -14.57 1.12 8.85
C LEU A 173 -13.86 0.36 7.75
N GLY A 174 -12.77 -0.31 8.10
CA GLY A 174 -12.05 -1.12 7.14
C GLY A 174 -12.91 -2.27 6.64
N PHE A 175 -13.50 -3.02 7.57
CA PHE A 175 -14.36 -4.14 7.19
C PHE A 175 -15.55 -3.64 6.37
N PHE A 176 -16.15 -2.54 6.80
CA PHE A 176 -17.24 -1.92 6.06
C PHE A 176 -16.86 -1.71 4.59
N TYR A 177 -15.70 -1.09 4.38
CA TYR A 177 -15.25 -0.75 3.04
C TYR A 177 -14.95 -2.03 2.24
N GLU A 178 -14.34 -3.01 2.89
CA GLU A 178 -14.09 -4.30 2.22
C GLU A 178 -15.39 -4.94 1.77
N HIS A 179 -16.38 -4.95 2.66
CA HIS A 179 -17.67 -5.58 2.35
C HIS A 179 -18.38 -4.89 1.18
N VAL A 180 -18.31 -3.56 1.14
CA VAL A 180 -18.90 -2.84 0.01
C VAL A 180 -18.15 -3.24 -1.24
N SER A 181 -16.83 -3.29 -1.15
N SER A 181 -16.82 -3.28 -1.16
CA SER A 181 -16.02 -3.68 -2.30
CA SER A 181 -15.99 -3.70 -2.28
C SER A 181 -16.42 -5.08 -2.78
C SER A 181 -16.43 -5.07 -2.77
N GLU A 182 -16.59 -6.01 -1.84
CA GLU A 182 -17.02 -7.37 -2.18
C GLU A 182 -18.43 -7.35 -2.78
N TYR A 183 -19.31 -6.55 -2.17
CA TYR A 183 -20.70 -6.46 -2.59
C TYR A 183 -20.81 -5.99 -4.05
N THR A 184 -19.95 -5.04 -4.43
CA THR A 184 -20.00 -4.49 -5.79
C THR A 184 -19.39 -5.42 -6.82
N GLY A 185 -18.71 -6.47 -6.38
CA GLY A 185 -18.09 -7.40 -7.31
C GLY A 185 -16.64 -7.04 -7.58
N LEU A 186 -16.18 -5.93 -7.01
CA LEU A 186 -14.76 -5.58 -7.09
C LEU A 186 -13.92 -6.53 -6.24
N GLY A 187 -14.51 -7.00 -5.15
CA GLY A 187 -13.87 -7.94 -4.25
C GLY A 187 -13.29 -7.26 -3.03
N GLY A 188 -13.43 -7.91 -1.88
CA GLY A 188 -12.96 -7.34 -0.63
C GLY A 188 -11.45 -7.20 -0.61
N ASP A 189 -10.80 -7.99 -1.46
CA ASP A 189 -9.34 -7.93 -1.64
C ASP A 189 -8.87 -6.76 -2.54
N ASN A 190 -9.81 -6.03 -3.11
CA ASN A 190 -9.47 -4.92 -4.01
C ASN A 190 -10.09 -3.57 -3.64
N PRO A 191 -9.98 -3.18 -2.35
CA PRO A 191 -10.65 -1.94 -1.91
C PRO A 191 -10.12 -0.71 -2.66
N GLY A 192 -8.86 -0.76 -3.08
CA GLY A 192 -8.32 0.31 -3.89
C GLY A 192 -9.20 0.57 -5.10
N LYS A 193 -9.78 -0.49 -5.67
CA LYS A 193 -10.65 -0.34 -6.83
C LYS A 193 -11.93 0.41 -6.48
N LEU A 194 -12.49 0.11 -5.31
CA LEU A 194 -13.71 0.79 -4.87
C LEU A 194 -13.46 2.31 -4.79
N MET A 195 -12.29 2.70 -4.30
CA MET A 195 -11.92 4.11 -4.21
C MET A 195 -11.92 4.74 -5.60
N GLY A 196 -11.36 4.03 -6.57
CA GLY A 196 -11.33 4.51 -7.94
C GLY A 196 -12.74 4.62 -8.54
N LEU A 197 -13.57 3.61 -8.29
CA LEU A 197 -14.95 3.62 -8.81
C LEU A 197 -15.78 4.76 -8.22
N ALA A 198 -15.54 5.06 -6.95
CA ALA A 198 -16.28 6.07 -6.21
C ALA A 198 -16.32 7.43 -6.91
N ALA A 199 -15.24 7.77 -7.61
CA ALA A 199 -15.17 9.05 -8.31
C ALA A 199 -16.23 9.16 -9.39
N HIS A 200 -16.73 8.02 -9.85
CA HIS A 200 -17.67 8.00 -10.97
C HIS A 200 -19.13 8.03 -10.53
N GLY A 201 -19.38 7.86 -9.23
CA GLY A 201 -20.74 7.81 -8.74
C GLY A 201 -21.21 9.10 -8.08
N THR A 202 -22.48 9.14 -7.71
CA THR A 202 -23.05 10.25 -6.96
C THR A 202 -23.55 9.76 -5.61
N THR A 203 -23.35 10.56 -4.57
CA THR A 203 -23.83 10.23 -3.23
C THR A 203 -25.17 10.89 -2.95
N VAL A 204 -26.12 10.15 -2.38
CA VAL A 204 -27.39 10.77 -1.98
C VAL A 204 -27.50 10.88 -0.46
N ASP A 205 -27.23 9.77 0.22
CA ASP A 205 -27.34 9.69 1.67
C ASP A 205 -26.13 8.97 2.23
N GLU A 206 -25.14 9.76 2.65
CA GLU A 206 -23.87 9.21 3.12
C GLU A 206 -23.96 8.42 4.43
N THR A 207 -25.12 8.37 5.06
CA THR A 207 -25.29 7.54 6.25
C THR A 207 -25.48 6.07 5.91
N LEU A 208 -25.91 5.82 4.67
CA LEU A 208 -26.31 4.48 4.23
C LEU A 208 -27.34 3.89 5.17
N SER A 209 -28.07 4.77 5.86
CA SER A 209 -29.06 4.36 6.85
C SER A 209 -28.45 3.43 7.89
N ALA A 210 -27.16 3.60 8.14
CA ALA A 210 -26.42 2.72 9.05
C ALA A 210 -25.53 3.55 9.98
N PHE A 211 -24.79 4.48 9.39
CA PHE A 211 -23.91 5.35 10.16
C PHE A 211 -24.65 6.54 10.72
N ALA A 212 -24.23 7.00 11.89
CA ALA A 212 -24.58 8.33 12.37
C ALA A 212 -23.24 9.03 12.60
N PHE A 213 -23.14 10.28 12.16
CA PHE A 213 -21.88 11.01 12.29
C PHE A 213 -21.94 12.09 13.37
N ASP A 214 -20.81 12.32 14.04
CA ASP A 214 -20.70 13.38 15.01
C ASP A 214 -19.31 14.00 14.93
N SER A 215 -19.11 15.07 15.68
CA SER A 215 -17.86 15.81 15.59
C SER A 215 -16.60 15.02 16.01
N ASP A 216 -16.79 13.88 16.67
CA ASP A 216 -15.65 13.04 17.08
C ASP A 216 -15.51 11.75 16.27
N GLY A 217 -16.41 11.53 15.33
CA GLY A 217 -16.34 10.33 14.53
C GLY A 217 -17.70 9.84 14.12
N TYR A 218 -18.07 8.65 14.59
CA TYR A 218 -19.26 7.99 14.09
C TYR A 218 -19.85 7.00 15.09
N ARG A 219 -21.09 6.60 14.80
CA ARG A 219 -21.70 5.46 15.45
C ARG A 219 -22.23 4.53 14.35
N LEU A 220 -22.15 3.24 14.61
CA LEU A 220 -22.72 2.27 13.69
C LEU A 220 -23.89 1.60 14.38
N ASN A 221 -25.07 2.13 14.11
CA ASN A 221 -26.29 1.65 14.72
C ASN A 221 -26.67 0.28 14.19
N LEU A 222 -26.09 -0.08 13.07
CA LEU A 222 -26.36 -1.37 12.43
C LEU A 222 -25.94 -2.58 13.28
N ILE A 223 -24.91 -2.41 14.10
CA ILE A 223 -24.24 -3.54 14.74
C ILE A 223 -23.92 -3.28 16.20
N ASP A 224 -24.18 -4.26 17.05
CA ASP A 224 -23.74 -4.19 18.44
C ASP A 224 -22.22 -4.04 18.47
N PRO A 225 -21.70 -2.95 19.07
CA PRO A 225 -20.24 -2.70 19.08
C PRO A 225 -19.45 -3.81 19.77
N GLN A 226 -20.10 -4.48 20.72
CA GLN A 226 -19.44 -5.55 21.47
C GLN A 226 -19.63 -6.92 20.81
N ALA A 227 -20.14 -6.94 19.58
CA ALA A 227 -20.30 -8.22 18.87
C ALA A 227 -18.95 -8.89 18.64
N ARG A 228 -18.92 -10.20 18.86
CA ARG A 228 -17.68 -10.98 18.83
C ARG A 228 -17.99 -12.37 18.33
N ASP A 229 -17.29 -12.78 17.28
CA ASP A 229 -17.47 -14.12 16.74
C ASP A 229 -16.86 -15.16 17.67
N PRO A 230 -17.71 -16.03 18.26
CA PRO A 230 -17.17 -17.05 19.16
C PRO A 230 -16.44 -18.16 18.40
N GLU A 231 -16.61 -18.20 17.09
CA GLU A 231 -15.95 -19.22 16.27
C GLU A 231 -14.84 -18.64 15.39
N ASP A 232 -14.15 -17.62 15.89
CA ASP A 232 -13.09 -16.96 15.11
C ASP A 232 -12.25 -16.02 15.97
N TRP A 233 -11.22 -15.41 15.38
CA TRP A 233 -10.39 -14.46 16.12
C TRP A 233 -10.46 -13.03 15.58
N ASP A 234 -11.39 -12.78 14.67
CA ASP A 234 -11.74 -11.41 14.32
C ASP A 234 -13.21 -11.32 13.92
N GLU A 235 -13.71 -10.11 13.73
CA GLU A 235 -15.14 -9.88 13.54
C GLU A 235 -15.57 -9.79 12.07
N TYR A 236 -14.71 -10.23 11.15
CA TYR A 236 -14.99 -10.07 9.72
C TYR A 236 -16.29 -10.73 9.28
N SER A 237 -16.50 -11.97 9.66
CA SER A 237 -17.72 -12.69 9.26
C SER A 237 -19.00 -12.08 9.83
N VAL A 238 -18.96 -11.71 11.11
CA VAL A 238 -20.08 -11.03 11.75
C VAL A 238 -20.41 -9.72 11.03
N THR A 239 -19.40 -8.91 10.75
CA THR A 239 -19.66 -7.65 10.07
C THR A 239 -20.07 -7.88 8.62
N GLU A 240 -19.52 -8.92 8.00
CA GLU A 240 -19.92 -9.24 6.63
C GLU A 240 -21.40 -9.61 6.56
N ARG A 241 -21.83 -10.46 7.50
CA ARG A 241 -23.24 -10.83 7.53
C ARG A 241 -24.15 -9.60 7.71
N ALA A 242 -23.79 -8.73 8.65
CA ALA A 242 -24.58 -7.53 8.91
C ALA A 242 -24.60 -6.57 7.73
N TRP A 243 -23.45 -6.30 7.14
CA TRP A 243 -23.41 -5.33 6.04
C TRP A 243 -24.09 -5.81 4.76
N PHE A 244 -23.89 -7.08 4.40
CA PHE A 244 -24.54 -7.65 3.23
C PHE A 244 -26.07 -7.62 3.34
N ALA A 245 -26.60 -7.99 4.51
CA ALA A 245 -28.04 -7.96 4.71
C ALA A 245 -28.57 -6.53 4.62
N HIS A 246 -27.85 -5.60 5.24
CA HIS A 246 -28.24 -4.20 5.24
C HIS A 246 -28.18 -3.57 3.84
N LEU A 247 -27.09 -3.81 3.12
CA LEU A 247 -26.97 -3.22 1.79
C LEU A 247 -28.06 -3.76 0.86
N GLU A 248 -28.34 -5.05 0.96
CA GLU A 248 -29.35 -5.61 0.07
C GLU A 248 -30.72 -4.99 0.38
N ARG A 249 -30.95 -4.70 1.66
N ARG A 249 -30.95 -4.71 1.66
CA ARG A 249 -32.21 -4.08 2.08
CA ARG A 249 -32.20 -4.07 2.08
C ARG A 249 -32.38 -2.64 1.61
C ARG A 249 -32.36 -2.66 1.55
N ILE A 250 -31.30 -1.86 1.62
CA ILE A 250 -31.39 -0.43 1.33
C ILE A 250 -30.96 -0.01 -0.08
N TYR A 251 -30.16 -0.83 -0.75
CA TYR A 251 -29.64 -0.46 -2.07
C TYR A 251 -30.41 -1.19 -3.17
N ARG A 252 -30.58 -0.53 -4.32
CA ARG A 252 -31.45 -1.05 -5.38
C ARG A 252 -30.91 -2.31 -6.06
N LEU A 253 -29.60 -2.53 -5.97
CA LEU A 253 -29.00 -3.71 -6.58
C LEU A 253 -28.58 -4.69 -5.50
N PRO A 254 -28.86 -5.97 -5.72
CA PRO A 254 -28.43 -7.02 -4.80
C PRO A 254 -26.94 -7.23 -5.00
N PRO A 255 -26.32 -8.08 -4.15
CA PRO A 255 -24.87 -8.32 -4.29
C PRO A 255 -24.52 -8.77 -5.70
N ASN A 256 -23.38 -8.28 -6.20
CA ASN A 256 -22.84 -8.80 -7.44
C ASN A 256 -22.32 -10.19 -7.10
N GLU A 257 -22.37 -11.12 -8.04
CA GLU A 257 -21.88 -12.45 -7.74
C GLU A 257 -20.70 -12.76 -8.64
N PHE A 258 -19.79 -13.59 -8.16
CA PHE A 258 -18.70 -14.06 -9.00
C PHE A 258 -19.11 -15.29 -9.80
N VAL A 259 -18.61 -15.36 -11.04
CA VAL A 259 -18.97 -16.40 -11.99
C VAL A 259 -17.70 -17.12 -12.45
N ARG A 260 -17.69 -18.44 -12.30
CA ARG A 260 -16.53 -19.21 -12.70
C ARG A 260 -16.91 -20.11 -13.87
N ARG A 261 -16.39 -19.82 -15.06
CA ARG A 261 -16.77 -20.59 -16.23
C ARG A 261 -15.58 -20.88 -17.11
N TYR A 262 -15.63 -21.99 -17.82
CA TYR A 262 -14.55 -22.35 -18.72
C TYR A 262 -14.57 -21.39 -19.92
N ASP A 263 -13.45 -20.72 -20.16
CA ASP A 263 -13.31 -19.82 -21.30
C ASP A 263 -12.45 -20.48 -22.37
N PRO A 264 -13.08 -20.95 -23.47
CA PRO A 264 -12.37 -21.66 -24.53
C PRO A 264 -11.22 -20.84 -25.13
N ALA A 265 -11.33 -19.52 -25.16
CA ALA A 265 -10.25 -18.71 -25.74
C ALA A 265 -9.00 -18.74 -24.86
N LYS A 266 -9.20 -18.85 -23.55
CA LYS A 266 -8.08 -18.90 -22.61
C LYS A 266 -7.70 -20.33 -22.24
N GLY A 267 -8.62 -21.27 -22.48
CA GLY A 267 -8.39 -22.67 -22.18
C GLY A 267 -8.34 -22.99 -20.70
N ARG A 268 -9.08 -22.21 -19.91
CA ARG A 268 -9.13 -22.48 -18.48
C ARG A 268 -10.38 -21.88 -17.88
N VAL A 269 -10.70 -22.25 -16.64
CA VAL A 269 -11.83 -21.67 -15.95
C VAL A 269 -11.42 -20.31 -15.43
N VAL A 270 -12.16 -19.27 -15.82
CA VAL A 270 -11.84 -17.91 -15.41
C VAL A 270 -12.93 -17.34 -14.50
N ARG A 271 -12.53 -16.48 -13.58
CA ARG A 271 -13.50 -15.83 -12.67
C ARG A 271 -13.93 -14.47 -13.21
N ASP A 272 -15.23 -14.23 -13.21
CA ASP A 272 -15.78 -12.97 -13.70
C ASP A 272 -16.86 -12.54 -12.70
N THR A 273 -17.48 -11.39 -12.95
CA THR A 273 -18.61 -10.94 -12.13
C THR A 273 -19.89 -11.08 -12.95
N ARG A 274 -21.03 -11.18 -12.27
CA ARG A 274 -22.30 -11.39 -12.98
C ARG A 274 -22.78 -10.07 -13.59
N ARG A 275 -22.60 -8.98 -12.84
N ARG A 275 -22.56 -8.98 -12.86
CA ARG A 275 -22.90 -7.64 -13.35
CA ARG A 275 -22.91 -7.63 -13.29
C ARG A 275 -21.59 -6.90 -13.57
C ARG A 275 -21.63 -6.82 -13.45
N ASP A 276 -21.68 -5.77 -14.27
CA ASP A 276 -20.57 -4.84 -14.36
C ASP A 276 -20.50 -4.09 -13.02
N PRO A 277 -19.35 -4.10 -12.32
CA PRO A 277 -19.30 -3.36 -11.06
C PRO A 277 -19.56 -1.85 -11.25
N TYR A 278 -19.34 -1.35 -12.44
CA TYR A 278 -19.62 0.07 -12.71
C TYR A 278 -21.07 0.44 -12.40
N GLU A 279 -21.97 -0.54 -12.48
CA GLU A 279 -23.38 -0.28 -12.17
C GLU A 279 -23.57 0.16 -10.73
N TYR A 280 -22.62 -0.18 -9.87
CA TYR A 280 -22.71 0.10 -8.45
C TYR A 280 -21.98 1.39 -8.09
N ARG A 281 -21.66 2.22 -9.07
CA ARG A 281 -20.84 3.40 -8.81
C ARG A 281 -21.42 4.35 -7.74
N ASP A 282 -22.75 4.46 -7.67
CA ASP A 282 -23.36 5.31 -6.64
C ASP A 282 -23.12 4.75 -5.24
N LEU A 283 -23.21 3.43 -5.10
CA LEU A 283 -22.92 2.79 -3.82
C LEU A 283 -21.48 3.05 -3.45
N ALA A 284 -20.59 2.94 -4.43
CA ALA A 284 -19.16 3.20 -4.21
C ALA A 284 -18.94 4.64 -3.73
N ALA A 285 -19.51 5.60 -4.44
CA ALA A 285 -19.41 7.00 -4.05
C ALA A 285 -19.92 7.20 -2.64
N THR A 286 -21.06 6.58 -2.34
CA THR A 286 -21.71 6.74 -1.04
C THR A 286 -20.84 6.14 0.07
N ALA A 287 -20.25 4.98 -0.20
CA ALA A 287 -19.35 4.34 0.77
C ALA A 287 -18.10 5.19 1.03
N GLN A 288 -17.52 5.74 -0.03
CA GLN A 288 -16.34 6.60 0.09
C GLN A 288 -16.69 7.84 0.92
N ALA A 289 -17.86 8.39 0.69
CA ALA A 289 -18.33 9.55 1.44
C ALA A 289 -18.52 9.24 2.92
N ALA A 290 -19.11 8.09 3.23
CA ALA A 290 -19.31 7.69 4.63
C ALA A 290 -17.97 7.50 5.34
N LEU A 291 -17.04 6.84 4.65
CA LEU A 291 -15.71 6.61 5.20
C LEU A 291 -15.03 7.95 5.50
N GLU A 292 -15.08 8.84 4.52
CA GLU A 292 -14.48 10.16 4.67
C GLU A 292 -15.07 10.88 5.86
N ARG A 293 -16.39 10.90 5.97
CA ARG A 293 -17.01 11.67 7.03
C ARG A 293 -16.67 11.09 8.41
N ALA A 294 -16.71 9.77 8.52
CA ALA A 294 -16.34 9.09 9.75
C ALA A 294 -14.92 9.47 10.15
N VAL A 295 -14.00 9.38 9.19
CA VAL A 295 -12.58 9.61 9.45
C VAL A 295 -12.26 11.09 9.75
N PHE A 296 -12.96 12.01 9.07
CA PHE A 296 -12.81 13.45 9.36
C PHE A 296 -13.05 13.69 10.86
N GLY A 297 -14.13 13.12 11.39
CA GLY A 297 -14.47 13.27 12.81
C GLY A 297 -13.42 12.67 13.74
N LEU A 298 -13.00 11.45 13.46
CA LEU A 298 -11.93 10.81 14.25
C LEU A 298 -10.66 11.67 14.25
N ALA A 299 -10.29 12.15 13.07
CA ALA A 299 -9.07 12.95 12.95
C ALA A 299 -9.20 14.26 13.72
N ASP A 300 -10.28 15.01 13.48
CA ASP A 300 -10.49 16.25 14.22
C ASP A 300 -10.40 15.98 15.72
N SER A 301 -11.01 14.88 16.16
CA SER A 301 -11.07 14.52 17.58
C SER A 301 -9.69 14.29 18.20
N VAL A 302 -8.88 13.44 17.56
CA VAL A 302 -7.55 13.17 18.11
C VAL A 302 -6.65 14.42 18.05
N LEU A 303 -6.80 15.25 17.03
CA LEU A 303 -6.02 16.49 16.94
C LEU A 303 -6.39 17.43 18.08
N ALA A 304 -7.69 17.61 18.31
CA ALA A 304 -8.18 18.46 19.38
C ALA A 304 -7.78 17.95 20.77
N ARG A 305 -7.89 16.64 20.98
CA ARG A 305 -7.56 16.05 22.27
C ARG A 305 -6.08 16.15 22.58
N THR A 306 -5.23 16.08 21.54
CA THR A 306 -3.79 16.09 21.76
C THR A 306 -3.16 17.47 21.63
N GLY A 307 -3.93 18.42 21.11
CA GLY A 307 -3.42 19.76 20.90
C GLY A 307 -2.35 19.82 19.83
N GLU A 308 -2.36 18.84 18.93
CA GLU A 308 -1.38 18.79 17.86
C GLU A 308 -2.01 19.28 16.57
N ARG A 309 -1.18 19.69 15.61
CA ARG A 309 -1.68 20.01 14.27
C ARG A 309 -0.99 19.18 13.20
N THR A 310 -0.16 18.23 13.64
CA THR A 310 0.43 17.25 12.73
C THR A 310 -0.31 15.94 12.92
N LEU A 311 -0.73 15.33 11.81
CA LEU A 311 -1.52 14.10 11.88
C LEU A 311 -0.76 12.94 11.26
N PHE A 312 -0.63 11.85 12.02
CA PHE A 312 -0.08 10.60 11.50
C PHE A 312 -1.22 9.62 11.26
N VAL A 313 -1.27 9.03 10.07
CA VAL A 313 -2.29 8.04 9.80
C VAL A 313 -1.63 6.73 9.41
N ALA A 314 -2.13 5.63 9.96
CA ALA A 314 -1.77 4.33 9.44
C ALA A 314 -2.89 3.35 9.64
N GLY A 315 -2.63 2.09 9.35
CA GLY A 315 -3.69 1.11 9.17
C GLY A 315 -4.11 1.15 7.71
N GLY A 316 -4.69 0.06 7.23
CA GLY A 316 -4.97 -0.08 5.81
C GLY A 316 -5.91 0.97 5.24
N VAL A 317 -6.78 1.54 6.06
CA VAL A 317 -7.65 2.61 5.55
C VAL A 317 -6.82 3.84 5.15
N GLY A 318 -5.63 3.97 5.74
CA GLY A 318 -4.70 5.03 5.37
C GLY A 318 -4.21 4.97 3.94
N LEU A 319 -4.45 3.84 3.26
CA LEU A 319 -4.13 3.76 1.83
C LEU A 319 -5.12 4.55 0.99
N ASN A 320 -6.20 5.05 1.62
CA ASN A 320 -7.22 5.77 0.84
C ASN A 320 -6.75 7.18 0.53
N ALA A 321 -6.06 7.34 -0.60
CA ALA A 321 -5.46 8.63 -0.98
C ALA A 321 -6.49 9.73 -1.13
N THR A 322 -7.66 9.38 -1.64
CA THR A 322 -8.71 10.38 -1.85
C THR A 322 -9.11 10.98 -0.50
N MET A 323 -9.34 10.11 0.48
CA MET A 323 -9.64 10.52 1.84
C MET A 323 -8.50 11.35 2.44
N ASN A 324 -7.27 10.86 2.28
CA ASN A 324 -6.10 11.55 2.82
C ASN A 324 -5.98 12.97 2.28
N GLY A 325 -6.21 13.14 0.98
CA GLY A 325 -6.19 14.46 0.37
C GLY A 325 -7.15 15.43 1.03
N LYS A 326 -8.33 14.94 1.39
CA LYS A 326 -9.35 15.77 2.01
C LYS A 326 -9.04 16.06 3.49
N LEU A 327 -8.31 15.17 4.14
CA LEU A 327 -7.84 15.44 5.50
C LEU A 327 -6.78 16.55 5.48
N LEU A 328 -5.89 16.50 4.51
CA LEU A 328 -4.81 17.48 4.39
C LEU A 328 -5.32 18.92 4.32
N THR A 329 -6.45 19.11 3.64
CA THR A 329 -6.97 20.45 3.44
C THR A 329 -7.88 20.94 4.58
N ARG A 330 -8.12 20.09 5.57
CA ARG A 330 -8.94 20.47 6.72
C ARG A 330 -8.30 21.57 7.56
N SER A 331 -9.14 22.45 8.11
CA SER A 331 -8.68 23.57 8.92
C SER A 331 -7.93 23.10 10.17
N THR A 332 -8.16 21.85 10.56
CA THR A 332 -7.57 21.32 11.78
C THR A 332 -6.19 20.67 11.56
N VAL A 333 -5.74 20.60 10.31
CA VAL A 333 -4.52 19.89 9.97
C VAL A 333 -3.51 20.83 9.33
N ASP A 334 -2.30 20.87 9.88
CA ASP A 334 -1.22 21.65 9.28
C ASP A 334 -0.30 20.77 8.49
N LYS A 335 0.08 19.63 9.07
CA LYS A 335 0.94 18.67 8.40
C LYS A 335 0.41 17.26 8.59
N MET A 336 0.79 16.37 7.66
CA MET A 336 0.31 15.00 7.64
C MET A 336 1.43 14.06 7.21
N PHE A 337 1.59 12.92 7.90
CA PHE A 337 2.49 11.90 7.38
C PHE A 337 1.79 10.54 7.36
N VAL A 338 1.75 9.94 6.17
CA VAL A 338 1.23 8.59 6.01
C VAL A 338 2.32 7.76 5.33
N PRO A 339 2.78 6.67 5.98
CA PRO A 339 3.86 5.90 5.35
C PRO A 339 3.31 5.11 4.15
N PRO A 340 4.18 4.73 3.21
CA PRO A 340 3.73 3.95 2.05
C PRO A 340 3.19 2.60 2.47
N VAL A 341 3.58 2.18 3.66
CA VAL A 341 3.24 0.87 4.20
C VAL A 341 2.20 1.00 5.33
N ALA A 342 1.20 1.86 5.13
CA ALA A 342 0.13 2.05 6.10
C ALA A 342 -0.65 0.77 6.42
N SER A 343 -0.73 -0.14 5.46
CA SER A 343 -1.47 -1.39 5.65
C SER A 343 -0.66 -2.38 6.49
N ASP A 344 -1.19 -3.59 6.70
CA ASP A 344 -0.48 -4.59 7.50
C ASP A 344 0.97 -4.86 7.06
N ILE A 345 1.27 -4.65 5.79
CA ILE A 345 2.64 -4.87 5.34
C ILE A 345 3.62 -4.05 6.17
N GLY A 346 3.16 -2.92 6.71
CA GLY A 346 4.01 -2.05 7.49
C GLY A 346 4.16 -2.41 8.96
N VAL A 347 3.42 -3.41 9.46
CA VAL A 347 3.58 -3.74 10.88
C VAL A 347 4.84 -4.54 11.18
N SER A 348 5.48 -5.11 10.16
CA SER A 348 6.81 -5.70 10.38
C SER A 348 7.77 -4.56 10.74
N LEU A 349 7.82 -3.55 9.87
CA LEU A 349 8.61 -2.36 10.12
C LEU A 349 8.24 -1.69 11.44
N GLY A 350 6.94 -1.52 11.67
CA GLY A 350 6.47 -0.88 12.89
C GLY A 350 6.87 -1.63 14.15
N ALA A 351 6.74 -2.95 14.12
CA ALA A 351 7.13 -3.78 15.25
C ALA A 351 8.65 -3.64 15.49
N ALA A 352 9.43 -3.69 14.43
CA ALA A 352 10.88 -3.58 14.56
C ALA A 352 11.23 -2.24 15.21
N ALA A 353 10.53 -1.18 14.78
CA ALA A 353 10.79 0.17 15.31
C ALA A 353 10.44 0.28 16.79
N ALA A 354 9.29 -0.25 17.18
CA ALA A 354 8.88 -0.16 18.57
C ALA A 354 9.91 -0.83 19.48
N VAL A 355 10.37 -2.00 19.07
CA VAL A 355 11.38 -2.71 19.84
C VAL A 355 12.72 -1.98 19.81
N ALA A 356 13.15 -1.52 18.64
CA ALA A 356 14.41 -0.79 18.51
C ALA A 356 14.43 0.45 19.40
N VAL A 357 13.30 1.18 19.40
CA VAL A 357 13.16 2.35 20.26
C VAL A 357 13.29 1.97 21.72
N GLU A 358 12.65 0.87 22.10
CA GLU A 358 12.74 0.33 23.46
CA GLU A 358 12.75 0.39 23.48
C GLU A 358 14.17 -0.05 23.83
N LEU A 359 14.94 -0.50 22.83
CA LEU A 359 16.33 -0.88 23.06
C LEU A 359 17.28 0.32 23.04
N GLY A 360 16.73 1.51 22.82
CA GLY A 360 17.51 2.74 22.88
C GLY A 360 17.98 3.31 21.55
N ASP A 361 17.57 2.70 20.44
CA ASP A 361 17.94 3.22 19.13
C ASP A 361 17.12 4.46 18.76
N ARG A 362 17.66 5.25 17.84
CA ARG A 362 16.95 6.40 17.30
C ARG A 362 16.57 6.07 15.87
N ILE A 363 15.30 6.23 15.53
CA ILE A 363 14.83 5.81 14.20
C ILE A 363 14.97 6.94 13.20
N ALA A 364 15.61 6.67 12.07
CA ALA A 364 15.78 7.68 11.03
C ALA A 364 14.51 7.84 10.21
N PRO A 365 14.26 9.07 9.73
CA PRO A 365 13.12 9.28 8.82
C PRO A 365 13.20 8.40 7.57
N MET A 366 12.06 8.02 7.02
CA MET A 366 12.02 7.29 5.76
C MET A 366 12.71 8.07 4.63
N GLY A 367 12.54 9.39 4.63
CA GLY A 367 13.29 10.23 3.72
C GLY A 367 12.88 10.23 2.25
N ASP A 368 11.59 10.20 1.98
CA ASP A 368 11.08 10.44 0.62
C ASP A 368 11.36 9.32 -0.37
N THR A 369 11.58 8.11 0.14
CA THR A 369 11.83 6.96 -0.71
C THR A 369 11.21 5.72 -0.05
N ALA A 370 10.80 4.76 -0.87
CA ALA A 370 10.37 3.46 -0.35
C ALA A 370 11.18 2.34 -0.99
N ALA A 371 12.36 2.69 -1.50
CA ALA A 371 13.16 1.74 -2.26
C ALA A 371 14.03 0.90 -1.32
N TRP A 372 13.42 -0.08 -0.68
CA TRP A 372 14.14 -0.88 0.32
C TRP A 372 14.22 -2.36 -0.04
N GLY A 373 13.62 -2.75 -1.15
CA GLY A 373 13.59 -4.14 -1.55
C GLY A 373 14.83 -4.51 -2.35
N PRO A 374 14.80 -5.67 -3.02
CA PRO A 374 16.02 -6.18 -3.69
C PRO A 374 16.42 -5.36 -4.91
N GLU A 375 17.72 -5.30 -5.17
CA GLU A 375 18.21 -4.74 -6.44
C GLU A 375 19.15 -5.75 -7.07
N PHE A 376 19.50 -5.49 -8.33
CA PHE A 376 20.25 -6.44 -9.15
C PHE A 376 21.31 -5.72 -9.97
N SER A 377 22.50 -6.28 -9.97
CA SER A 377 23.62 -5.67 -10.69
C SER A 377 23.48 -5.94 -12.17
N PRO A 378 24.21 -5.18 -13.00
CA PRO A 378 24.21 -5.37 -14.45
C PRO A 378 24.50 -6.81 -14.85
N ASP A 379 25.44 -7.47 -14.18
CA ASP A 379 25.74 -8.87 -14.49
C ASP A 379 24.54 -9.76 -14.24
N GLN A 380 23.85 -9.50 -13.14
CA GLN A 380 22.64 -10.26 -12.77
C GLN A 380 21.50 -10.00 -13.76
N VAL A 381 21.34 -8.75 -14.18
CA VAL A 381 20.33 -8.44 -15.18
C VAL A 381 20.68 -9.13 -16.49
N ARG A 382 21.96 -9.02 -16.88
CA ARG A 382 22.44 -9.64 -18.11
C ARG A 382 22.16 -11.14 -18.12
N ALA A 383 22.34 -11.80 -16.98
CA ALA A 383 22.08 -13.23 -16.89
C ALA A 383 20.61 -13.55 -17.20
N ALA A 384 19.70 -12.70 -16.74
CA ALA A 384 18.28 -12.91 -16.98
C ALA A 384 17.97 -12.65 -18.46
N LEU A 385 18.64 -11.65 -19.02
CA LEU A 385 18.49 -11.36 -20.43
C LEU A 385 19.05 -12.48 -21.30
N ASP A 386 20.28 -12.89 -21.00
CA ASP A 386 20.98 -13.87 -21.83
C ASP A 386 20.22 -15.17 -21.79
N ARG A 387 19.73 -15.49 -20.61
CA ARG A 387 18.85 -16.64 -20.39
C ARG A 387 17.73 -16.74 -21.43
N THR A 388 17.21 -15.60 -21.88
CA THR A 388 16.06 -15.60 -22.78
C THR A 388 16.43 -15.48 -24.27
N GLY A 389 17.69 -15.15 -24.55
CA GLY A 389 18.13 -15.03 -25.92
C GLY A 389 17.59 -13.82 -26.68
N LEU A 390 16.91 -12.91 -25.99
CA LEU A 390 16.48 -11.68 -26.64
C LEU A 390 17.67 -10.76 -26.94
N ALA A 391 17.55 -9.97 -28.01
CA ALA A 391 18.54 -8.94 -28.29
C ALA A 391 18.28 -7.73 -27.39
N TYR A 392 19.35 -7.04 -27.01
CA TYR A 392 19.21 -5.85 -26.19
C TYR A 392 20.36 -4.87 -26.41
N ARG A 393 20.16 -3.64 -25.97
CA ARG A 393 21.18 -2.59 -26.08
C ARG A 393 21.63 -2.11 -24.70
N GLU A 394 22.78 -1.45 -24.67
CA GLU A 394 23.23 -0.73 -23.48
C GLU A 394 23.46 0.72 -23.88
N PRO A 395 22.40 1.53 -23.83
CA PRO A 395 22.53 2.92 -24.29
C PRO A 395 23.57 3.72 -23.53
N ALA A 396 24.27 4.59 -24.23
CA ALA A 396 25.21 5.52 -23.62
C ALA A 396 24.46 6.42 -22.64
N ASN A 397 23.25 6.81 -23.02
CA ASN A 397 22.41 7.59 -22.12
C ASN A 397 21.00 7.01 -22.03
N LEU A 398 20.83 6.04 -21.14
CA LEU A 398 19.55 5.34 -21.02
C LEU A 398 18.43 6.29 -20.61
N GLU A 399 18.72 7.20 -19.69
CA GLU A 399 17.69 8.12 -19.20
C GLU A 399 17.22 9.03 -20.31
N ARG A 400 18.14 9.52 -21.13
CA ARG A 400 17.75 10.35 -22.27
C ARG A 400 16.88 9.57 -23.26
N GLU A 401 17.28 8.34 -23.57
CA GLU A 401 16.50 7.51 -24.50
C GLU A 401 15.10 7.18 -23.97
N VAL A 402 14.99 6.84 -22.68
CA VAL A 402 13.68 6.58 -22.09
C VAL A 402 12.78 7.81 -22.16
N ALA A 403 13.34 8.98 -21.83
CA ALA A 403 12.58 10.21 -21.93
C ALA A 403 12.02 10.43 -23.34
N ALA A 404 12.85 10.20 -24.35
CA ALA A 404 12.42 10.35 -25.74
C ALA A 404 11.28 9.36 -26.10
N LEU A 405 11.39 8.13 -25.63
CA LEU A 405 10.33 7.13 -25.87
C LEU A 405 9.01 7.59 -25.25
N ILE A 406 9.08 8.02 -24.00
CA ILE A 406 7.89 8.51 -23.32
C ILE A 406 7.31 9.73 -24.06
N ALA A 407 8.16 10.68 -24.44
CA ALA A 407 7.64 11.88 -25.08
C ALA A 407 6.90 11.56 -26.40
N SER A 408 7.33 10.51 -27.10
CA SER A 408 6.70 10.13 -28.37
C SER A 408 5.37 9.38 -28.21
N GLY A 409 5.01 9.04 -26.99
CA GLY A 409 3.76 8.34 -26.74
C GLY A 409 3.90 6.84 -26.50
N LYS A 410 5.13 6.38 -26.30
CA LYS A 410 5.36 4.97 -26.08
C LYS A 410 5.29 4.61 -24.59
N VAL A 411 5.05 3.33 -24.30
CA VAL A 411 4.97 2.88 -22.92
C VAL A 411 6.22 2.10 -22.59
N VAL A 412 6.87 2.48 -21.48
CA VAL A 412 8.19 1.92 -21.15
C VAL A 412 8.20 1.26 -19.78
N GLY A 413 8.60 -0.01 -19.74
CA GLY A 413 8.83 -0.69 -18.47
C GLY A 413 10.12 -0.14 -17.87
N TRP A 414 10.13 0.05 -16.56
CA TRP A 414 11.27 0.69 -15.90
C TRP A 414 11.55 -0.08 -14.61
N ALA A 415 12.64 -0.86 -14.62
CA ALA A 415 12.98 -1.71 -13.49
C ALA A 415 14.40 -1.36 -13.13
N GLN A 416 14.54 -0.52 -12.10
CA GLN A 416 15.81 0.07 -11.72
C GLN A 416 15.98 0.00 -10.21
N GLY A 417 17.21 -0.21 -9.77
CA GLY A 417 17.55 -0.10 -8.36
C GLY A 417 16.76 -1.03 -7.44
N ARG A 418 16.58 -0.61 -6.21
CA ARG A 418 15.89 -1.42 -5.22
C ARG A 418 14.38 -1.32 -5.34
N GLY A 419 13.71 -2.46 -5.36
CA GLY A 419 12.25 -2.46 -5.45
C GLY A 419 11.61 -1.59 -4.39
N GLU A 420 10.55 -0.87 -4.76
CA GLU A 420 9.86 -0.07 -3.78
C GLU A 420 9.00 -1.00 -2.94
N VAL A 421 8.69 -0.57 -1.72
CA VAL A 421 7.82 -1.36 -0.86
C VAL A 421 6.43 -0.75 -0.84
N GLY A 422 5.40 -1.60 -0.77
CA GLY A 422 4.03 -1.12 -0.77
C GLY A 422 3.36 -1.36 -2.10
N PRO A 423 2.06 -0.99 -2.20
CA PRO A 423 1.28 -1.35 -3.39
C PRO A 423 1.47 -0.42 -4.58
N ARG A 424 2.22 0.67 -4.41
CA ARG A 424 2.37 1.64 -5.50
C ARG A 424 3.78 1.72 -6.07
N ALA A 425 3.88 1.68 -7.40
CA ALA A 425 5.14 1.86 -8.10
C ALA A 425 5.58 3.32 -7.94
N LEU A 426 6.87 3.49 -7.67
CA LEU A 426 7.42 4.80 -7.34
C LEU A 426 8.73 5.04 -8.08
N GLY A 427 8.84 4.49 -9.28
CA GLY A 427 10.00 4.73 -10.10
C GLY A 427 11.14 3.75 -9.89
N GLN A 428 10.85 2.59 -9.29
CA GLN A 428 11.80 1.47 -9.24
C GLN A 428 11.27 0.29 -10.09
N ARG A 429 9.96 0.08 -10.04
CA ARG A 429 9.31 -0.98 -10.81
C ARG A 429 8.01 -0.44 -11.40
N SER A 430 8.14 0.36 -12.46
CA SER A 430 7.03 1.15 -12.96
C SER A 430 6.79 0.91 -14.45
N LEU A 431 5.56 1.15 -14.91
CA LEU A 431 5.33 1.32 -16.33
C LEU A 431 5.14 2.81 -16.56
N LEU A 432 5.86 3.37 -17.52
CA LEU A 432 5.87 4.82 -17.71
C LEU A 432 5.20 5.21 -19.03
N GLY A 433 4.50 6.33 -19.01
CA GLY A 433 3.83 6.84 -20.20
C GLY A 433 3.69 8.34 -20.12
N SER A 434 3.19 8.94 -21.19
CA SER A 434 3.08 10.39 -21.26
C SER A 434 2.00 10.95 -20.36
N ALA A 435 2.36 11.91 -19.50
CA ALA A 435 1.38 12.64 -18.72
C ALA A 435 0.56 13.59 -19.59
N HIS A 436 1.09 13.94 -20.76
CA HIS A 436 0.51 14.97 -21.63
C HIS A 436 -0.48 14.46 -22.67
N SER A 437 -0.64 13.14 -22.75
CA SER A 437 -1.39 12.54 -23.84
C SER A 437 -2.84 12.29 -23.43
N PRO A 438 -3.80 12.80 -24.22
CA PRO A 438 -5.22 12.56 -23.92
C PRO A 438 -5.73 11.18 -24.36
N THR A 439 -4.85 10.33 -24.91
CA THR A 439 -5.21 8.96 -25.24
C THR A 439 -4.49 7.89 -24.40
N MET A 440 -3.50 8.32 -23.62
CA MET A 440 -2.65 7.38 -22.88
C MET A 440 -3.41 6.62 -21.81
N ARG A 441 -4.34 7.29 -21.14
CA ARG A 441 -5.14 6.59 -20.13
C ARG A 441 -5.91 5.41 -20.73
N ASP A 442 -6.71 5.65 -21.77
CA ASP A 442 -7.46 4.55 -22.39
C ASP A 442 -6.53 3.46 -22.96
N HIS A 443 -5.43 3.89 -23.56
CA HIS A 443 -4.45 2.96 -24.11
C HIS A 443 -3.91 2.01 -23.04
N ILE A 444 -3.45 2.55 -21.91
CA ILE A 444 -2.89 1.68 -20.87
C ILE A 444 -3.97 0.81 -20.22
N ASN A 445 -5.14 1.37 -19.94
CA ASN A 445 -6.21 0.54 -19.39
C ASN A 445 -6.65 -0.57 -20.33
N LEU A 446 -7.02 -0.18 -21.55
CA LEU A 446 -7.72 -1.09 -22.43
C LEU A 446 -6.78 -1.94 -23.29
N ARG A 447 -5.64 -1.38 -23.67
CA ARG A 447 -4.75 -2.09 -24.60
C ARG A 447 -3.59 -2.75 -23.86
N VAL A 448 -2.92 -2.00 -22.99
CA VAL A 448 -1.74 -2.55 -22.31
C VAL A 448 -2.13 -3.50 -21.18
N LYS A 449 -2.79 -2.97 -20.14
CA LYS A 449 -3.13 -3.80 -18.97
C LYS A 449 -4.45 -4.57 -19.06
N ASP A 450 -5.32 -4.19 -20.00
CA ASP A 450 -6.64 -4.81 -20.07
C ASP A 450 -7.34 -4.76 -18.72
N ARG A 451 -7.35 -3.59 -18.09
CA ARG A 451 -8.05 -3.40 -16.82
C ARG A 451 -9.21 -2.42 -17.01
N GLU A 452 -9.96 -2.16 -15.95
CA GLU A 452 -11.21 -1.41 -16.05
C GLU A 452 -11.00 0.01 -16.62
N TRP A 453 -11.83 0.38 -17.59
CA TRP A 453 -11.72 1.67 -18.26
C TRP A 453 -11.80 2.83 -17.28
N TRP A 454 -12.50 2.62 -16.17
CA TRP A 454 -12.77 3.70 -15.23
C TRP A 454 -11.67 3.93 -14.19
N ARG A 455 -10.61 3.13 -14.24
CA ARG A 455 -9.51 3.29 -13.27
C ARG A 455 -8.55 4.36 -13.76
N PRO A 456 -8.16 5.27 -12.86
CA PRO A 456 -7.32 6.43 -13.19
C PRO A 456 -5.82 6.11 -13.11
N PHE A 457 -5.00 7.02 -13.62
CA PHE A 457 -3.55 6.95 -13.49
C PHE A 457 -3.04 8.20 -12.76
N ALA A 458 -1.78 8.15 -12.32
CA ALA A 458 -1.22 9.22 -11.48
C ALA A 458 0.22 9.50 -11.91
N PRO A 459 0.72 10.71 -11.61
CA PRO A 459 2.01 11.18 -12.14
C PRO A 459 3.18 11.17 -11.14
N SER A 460 4.38 10.96 -11.69
CA SER A 460 5.62 11.31 -10.99
C SER A 460 6.11 12.65 -11.53
N MET A 461 6.72 13.46 -10.68
CA MET A 461 7.29 14.74 -11.12
C MET A 461 8.46 15.12 -10.22
N LEU A 462 9.35 15.95 -10.76
CA LEU A 462 10.45 16.48 -9.95
C LEU A 462 9.88 17.25 -8.77
N ARG A 463 10.42 16.99 -7.59
CA ARG A 463 10.07 17.79 -6.43
C ARG A 463 10.37 19.26 -6.74
N SER A 464 11.44 19.50 -7.49
CA SER A 464 11.88 20.87 -7.77
C SER A 464 10.88 21.67 -8.62
N VAL A 465 9.86 21.02 -9.17
CA VAL A 465 8.84 21.74 -9.92
C VAL A 465 7.46 21.67 -9.28
N SER A 466 7.32 20.90 -8.20
CA SER A 466 5.99 20.59 -7.67
C SER A 466 5.29 21.81 -7.05
N ASP A 467 6.07 22.78 -6.58
CA ASP A 467 5.50 24.03 -6.06
C ASP A 467 4.76 24.77 -7.17
N GLN A 468 5.24 24.62 -8.40
CA GLN A 468 4.61 25.26 -9.56
C GLN A 468 3.44 24.41 -10.07
N VAL A 469 3.58 23.10 -10.01
CA VAL A 469 2.55 22.20 -10.52
C VAL A 469 1.38 22.02 -9.56
N LEU A 470 1.68 21.83 -8.28
CA LEU A 470 0.65 21.51 -7.29
C LEU A 470 0.35 22.73 -6.41
N GLU A 471 -0.84 22.74 -5.83
CA GLU A 471 -1.30 23.88 -5.05
C GLU A 471 -0.60 23.95 -3.69
N VAL A 472 0.11 22.89 -3.34
CA VAL A 472 0.80 22.81 -2.06
C VAL A 472 2.29 22.55 -2.30
N ASP A 473 3.14 23.30 -1.59
CA ASP A 473 4.58 23.11 -1.66
C ASP A 473 5.03 22.15 -0.55
N ALA A 474 4.91 20.86 -0.80
CA ALA A 474 5.31 19.86 0.16
C ALA A 474 5.73 18.61 -0.58
N ASP A 475 6.42 17.71 0.13
CA ASP A 475 6.79 16.44 -0.46
C ASP A 475 5.56 15.54 -0.53
N PHE A 476 5.38 14.88 -1.68
CA PHE A 476 4.39 13.81 -1.81
C PHE A 476 5.10 12.59 -2.37
N PRO A 477 5.88 11.90 -1.52
CA PRO A 477 6.79 10.88 -2.02
C PRO A 477 6.13 9.55 -2.41
N TYR A 478 4.87 9.33 -2.01
CA TYR A 478 4.34 7.96 -2.01
C TYR A 478 3.05 7.72 -2.79
N MET A 479 2.50 8.77 -3.41
CA MET A 479 1.24 8.66 -4.13
C MET A 479 0.13 8.18 -3.20
N ILE A 480 0.21 8.60 -1.93
CA ILE A 480 -0.72 8.11 -0.91
C ILE A 480 -1.71 9.23 -0.57
N MET A 481 -1.59 10.35 -1.26
CA MET A 481 -2.35 11.54 -0.89
C MET A 481 -2.70 12.35 -2.13
N THR A 482 -3.98 12.68 -2.29
CA THR A 482 -4.37 13.51 -3.42
C THR A 482 -4.15 14.98 -3.12
N THR A 483 -4.06 15.78 -4.17
CA THR A 483 -4.01 17.24 -4.06
C THR A 483 -4.51 17.78 -5.39
N LYS A 484 -4.52 19.11 -5.54
CA LYS A 484 -4.94 19.67 -6.83
C LYS A 484 -3.79 20.39 -7.50
N VAL A 485 -3.81 20.42 -8.83
CA VAL A 485 -2.80 21.16 -9.57
C VAL A 485 -3.17 22.63 -9.62
N ARG A 486 -2.20 23.47 -9.97
CA ARG A 486 -2.48 24.88 -10.18
C ARG A 486 -3.00 25.12 -11.60
N ALA A 487 -3.63 26.28 -11.80
CA ALA A 487 -4.30 26.61 -13.06
C ALA A 487 -3.45 26.38 -14.29
N ALA A 488 -2.19 26.76 -14.23
CA ALA A 488 -1.30 26.62 -15.39
C ALA A 488 -1.21 25.16 -15.84
N TYR A 489 -1.57 24.24 -14.95
CA TYR A 489 -1.44 22.82 -15.26
C TYR A 489 -2.78 22.09 -15.30
N ALA A 490 -3.87 22.85 -15.30
CA ALA A 490 -5.21 22.27 -15.22
C ALA A 490 -5.60 21.46 -16.46
N GLU A 491 -4.92 21.71 -17.57
CA GLU A 491 -5.29 21.04 -18.83
C GLU A 491 -4.09 20.42 -19.53
N ARG A 492 -2.89 20.74 -19.05
CA ARG A 492 -1.65 20.27 -19.65
C ARG A 492 -1.37 18.78 -19.46
N LEU A 493 -2.01 18.15 -18.48
CA LEU A 493 -1.61 16.80 -18.07
C LEU A 493 -2.78 15.81 -18.06
N PRO A 494 -3.43 15.61 -19.21
CA PRO A 494 -4.74 14.94 -19.21
C PRO A 494 -4.75 13.48 -18.73
N SER A 495 -3.67 12.74 -18.90
CA SER A 495 -3.70 11.33 -18.53
C SER A 495 -3.58 11.14 -17.02
N VAL A 496 -3.21 12.18 -16.29
CA VAL A 496 -2.90 12.01 -14.86
C VAL A 496 -3.57 13.05 -13.95
N VAL A 497 -4.33 13.96 -14.54
CA VAL A 497 -5.03 15.00 -13.78
C VAL A 497 -6.51 14.98 -14.14
N HIS A 498 -7.37 14.87 -13.13
CA HIS A 498 -8.81 14.76 -13.34
C HIS A 498 -9.43 16.10 -13.73
N GLU A 499 -10.67 16.08 -14.20
CA GLU A 499 -11.34 17.31 -14.62
C GLU A 499 -11.46 18.34 -13.50
N ASP A 500 -11.56 17.84 -12.26
CA ASP A 500 -11.64 18.73 -11.11
C ASP A 500 -10.27 19.24 -10.63
N TRP A 501 -9.23 18.99 -11.43
CA TRP A 501 -7.85 19.41 -11.12
C TRP A 501 -7.15 18.51 -10.10
N SER A 502 -7.81 17.46 -9.63
CA SER A 502 -7.19 16.62 -8.61
C SER A 502 -6.19 15.66 -9.24
N THR A 503 -5.21 15.25 -8.43
CA THR A 503 -4.17 14.34 -8.89
C THR A 503 -3.57 13.63 -7.67
N ARG A 504 -2.90 12.50 -7.91
CA ARG A 504 -2.32 11.70 -6.82
C ARG A 504 -0.82 11.54 -7.04
N PRO A 505 -0.04 12.57 -6.71
CA PRO A 505 1.33 12.65 -7.21
C PRO A 505 2.39 11.90 -6.42
N GLN A 506 3.48 11.60 -7.12
CA GLN A 506 4.77 11.32 -6.51
C GLN A 506 5.72 12.47 -6.85
N THR A 507 6.28 13.10 -5.83
CA THR A 507 7.36 14.05 -6.04
C THR A 507 8.67 13.31 -5.85
N VAL A 508 9.64 13.62 -6.70
CA VAL A 508 10.90 12.88 -6.77
C VAL A 508 12.06 13.84 -6.50
N THR A 509 12.83 13.56 -5.45
CA THR A 509 14.06 14.30 -5.19
C THR A 509 15.22 13.61 -5.89
N GLU A 510 16.28 14.36 -6.18
CA GLU A 510 17.44 13.78 -6.82
C GLU A 510 18.08 12.72 -5.93
N ALA A 511 18.09 12.97 -4.62
CA ALA A 511 18.68 12.03 -3.68
C ALA A 511 17.87 10.74 -3.59
N SER A 512 16.55 10.84 -3.65
CA SER A 512 15.70 9.66 -3.52
C SER A 512 15.92 8.66 -4.65
N ASN A 513 16.17 9.19 -5.85
CA ASN A 513 16.22 8.33 -7.03
C ASN A 513 16.92 9.03 -8.19
N PRO A 514 18.27 9.07 -8.16
CA PRO A 514 19.06 9.83 -9.13
C PRO A 514 18.69 9.50 -10.58
N ARG A 515 18.53 8.23 -10.87
CA ARG A 515 18.25 7.76 -12.22
C ARG A 515 16.89 8.25 -12.72
N TYR A 516 15.85 8.06 -11.90
CA TYR A 516 14.49 8.48 -12.26
C TYR A 516 14.42 9.99 -12.32
N HIS A 517 15.11 10.66 -11.40
CA HIS A 517 15.19 12.11 -11.42
C HIS A 517 15.82 12.63 -12.71
N ARG A 518 16.89 11.97 -13.14
CA ARG A 518 17.59 12.35 -14.36
C ARG A 518 16.72 12.12 -15.59
N MET A 519 16.03 10.98 -15.63
CA MET A 519 15.09 10.72 -16.71
C MET A 519 14.01 11.80 -16.77
N LEU A 520 13.41 12.12 -15.64
CA LEU A 520 12.35 13.13 -15.62
C LEU A 520 12.89 14.48 -16.08
N THR A 521 14.14 14.76 -15.72
CA THR A 521 14.78 15.99 -16.17
C THR A 521 14.91 16.03 -17.69
N GLU A 522 15.39 14.93 -18.27
CA GLU A 522 15.44 14.81 -19.73
C GLU A 522 14.05 14.97 -20.34
N LEU A 523 13.06 14.32 -19.75
CA LEU A 523 11.70 14.41 -20.28
C LEU A 523 11.23 15.86 -20.30
N GLY A 524 11.54 16.59 -19.23
CA GLY A 524 11.16 17.98 -19.11
C GLY A 524 11.77 18.84 -20.21
N ASP A 525 13.00 18.50 -20.61
CA ASP A 525 13.66 19.20 -21.71
C ASP A 525 12.92 18.97 -23.02
N LEU A 526 12.20 17.85 -23.12
CA LEU A 526 11.49 17.50 -24.34
C LEU A 526 10.06 18.05 -24.42
N VAL A 527 9.34 17.99 -23.30
CA VAL A 527 7.92 18.32 -23.32
C VAL A 527 7.56 19.43 -22.34
N GLY A 528 8.57 20.16 -21.87
CA GLY A 528 8.35 21.30 -21.00
C GLY A 528 8.21 20.97 -19.52
N ASP A 529 7.44 19.94 -19.22
CA ASP A 529 7.18 19.55 -17.83
C ASP A 529 7.83 18.21 -17.49
N PRO A 530 8.64 18.18 -16.43
CA PRO A 530 9.33 16.94 -16.04
C PRO A 530 8.35 16.07 -15.23
N VAL A 531 7.35 15.55 -15.93
CA VAL A 531 6.23 14.85 -15.32
C VAL A 531 5.89 13.69 -16.23
N CYS A 532 5.68 12.50 -15.67
CA CYS A 532 5.21 11.39 -16.50
C CYS A 532 4.09 10.63 -15.79
N LEU A 533 3.36 9.84 -16.56
CA LEU A 533 2.43 8.87 -16.01
C LEU A 533 3.25 7.70 -15.44
N ASN A 534 2.92 7.28 -14.23
CA ASN A 534 3.64 6.21 -13.54
C ASN A 534 2.66 5.20 -12.94
N THR A 535 2.53 4.04 -13.58
CA THR A 535 1.58 3.01 -13.11
C THR A 535 2.33 1.74 -12.70
N SER A 536 1.71 0.90 -11.87
CA SER A 536 2.39 -0.32 -11.40
C SER A 536 2.82 -1.22 -12.56
N PHE A 537 4.04 -1.76 -12.45
CA PHE A 537 4.60 -2.66 -13.46
C PHE A 537 4.20 -4.10 -13.09
N ASN A 538 3.03 -4.54 -13.56
CA ASN A 538 2.52 -5.88 -13.29
C ASN A 538 1.50 -6.33 -14.31
N ASP A 539 1.32 -7.64 -14.41
CA ASP A 539 0.18 -8.24 -15.11
C ASP A 539 -1.05 -8.10 -14.23
N ARG A 540 -2.23 -8.05 -14.83
CA ARG A 540 -3.47 -7.95 -14.05
C ARG A 540 -3.56 -8.99 -12.93
N GLY A 541 -3.84 -8.53 -11.71
CA GLY A 541 -4.02 -9.40 -10.57
C GLY A 541 -2.76 -9.99 -9.99
N GLU A 542 -1.60 -9.66 -10.55
CA GLU A 542 -0.33 -10.18 -10.07
C GLU A 542 0.46 -9.09 -9.35
N PRO A 543 1.40 -9.49 -8.47
CA PRO A 543 2.21 -8.50 -7.76
C PRO A 543 3.12 -7.74 -8.71
N ILE A 544 3.50 -6.54 -8.30
CA ILE A 544 4.53 -5.78 -8.99
C ILE A 544 5.76 -6.65 -9.20
N VAL A 545 6.35 -6.58 -10.40
CA VAL A 545 7.55 -7.34 -10.72
C VAL A 545 8.70 -6.97 -9.79
N SER A 546 9.51 -7.97 -9.46
CA SER A 546 10.59 -7.76 -8.52
C SER A 546 11.96 -8.01 -9.16
N SER A 547 12.14 -9.18 -9.75
CA SER A 547 13.42 -9.57 -10.36
C SER A 547 13.47 -9.19 -11.83
N PRO A 548 14.68 -9.14 -12.41
CA PRO A 548 14.78 -8.93 -13.86
C PRO A 548 13.99 -9.98 -14.64
N ALA A 549 14.02 -11.24 -14.22
CA ALA A 549 13.21 -12.27 -14.87
C ALA A 549 11.70 -11.98 -14.79
N ASP A 550 11.23 -11.48 -13.64
CA ASP A 550 9.82 -11.05 -13.49
C ASP A 550 9.51 -9.96 -14.52
N ALA A 551 10.40 -8.96 -14.61
CA ALA A 551 10.16 -7.84 -15.52
C ALA A 551 10.12 -8.30 -16.98
N LEU A 552 11.05 -9.17 -17.37
CA LEU A 552 11.06 -9.69 -18.75
C LEU A 552 9.79 -10.48 -19.06
N LEU A 553 9.33 -11.29 -18.12
CA LEU A 553 8.13 -12.09 -18.31
C LEU A 553 6.93 -11.18 -18.61
N THR A 554 6.69 -10.22 -17.73
CA THR A 554 5.56 -9.33 -17.91
C THR A 554 5.73 -8.51 -19.19
N PHE A 555 6.94 -8.04 -19.43
CA PHE A 555 7.25 -7.33 -20.68
C PHE A 555 6.82 -8.15 -21.90
N SER A 556 7.09 -9.45 -21.86
CA SER A 556 6.78 -10.37 -22.96
CA SER A 556 6.78 -10.27 -23.02
C SER A 556 5.27 -10.53 -23.17
N ARG A 557 4.53 -10.39 -22.08
CA ARG A 557 3.09 -10.62 -22.06
C ARG A 557 2.30 -9.38 -22.49
N LEU A 558 2.88 -8.19 -22.30
CA LEU A 558 2.14 -6.95 -22.51
C LEU A 558 2.63 -6.23 -23.75
N PRO A 559 1.69 -5.60 -24.48
CA PRO A 559 2.07 -4.82 -25.67
C PRO A 559 2.68 -3.47 -25.30
N ILE A 560 3.80 -3.49 -24.60
CA ILE A 560 4.51 -2.24 -24.35
C ILE A 560 5.75 -2.14 -25.23
N ASP A 561 6.25 -0.93 -25.37
CA ASP A 561 7.20 -0.62 -26.44
C ASP A 561 8.63 -0.99 -26.07
N ALA A 562 8.97 -0.84 -24.79
CA ALA A 562 10.35 -1.04 -24.37
C ALA A 562 10.44 -1.41 -22.89
N LEU A 563 11.59 -1.96 -22.51
CA LEU A 563 11.88 -2.28 -21.12
C LEU A 563 13.29 -1.78 -20.81
N ALA A 564 13.36 -0.84 -19.88
CA ALA A 564 14.65 -0.38 -19.35
C ALA A 564 14.90 -1.11 -18.06
N VAL A 565 15.81 -2.08 -18.09
CA VAL A 565 16.10 -2.90 -16.93
C VAL A 565 17.60 -2.85 -16.62
N GLY A 566 17.94 -2.32 -15.45
CA GLY A 566 19.31 -1.94 -15.17
C GLY A 566 19.76 -1.03 -16.29
N PRO A 567 21.01 -1.16 -16.73
CA PRO A 567 21.53 -0.32 -17.82
C PRO A 567 21.08 -0.76 -19.21
N TYR A 568 20.23 -1.78 -19.31
CA TYR A 568 19.89 -2.33 -20.62
C TYR A 568 18.52 -1.92 -21.13
N LEU A 569 18.40 -1.86 -22.46
CA LEU A 569 17.13 -1.50 -23.10
C LEU A 569 16.68 -2.60 -24.06
N VAL A 570 15.51 -3.16 -23.81
CA VAL A 570 14.93 -4.14 -24.72
C VAL A 570 13.72 -3.52 -25.41
N THR A 571 13.60 -3.73 -26.71
CA THR A 571 12.48 -3.14 -27.44
C THR A 571 11.66 -4.21 -28.16
N LYS A 572 10.38 -3.93 -28.36
CA LYS A 572 9.54 -4.85 -29.14
C LYS A 572 9.58 -4.51 -30.62
FE FE2 B . -3.91 -3.66 10.45
N1 CA0 C . -9.74 2.81 0.99
C2 CA0 C . -10.39 2.42 2.09
N3 CA0 C . -10.02 1.32 2.78
C4 CA0 C . -8.95 0.57 2.39
C5 CA0 C . -8.20 0.95 1.21
C6 CA0 C . -8.67 2.15 0.50
N6 CA0 C . -8.02 2.54 -0.60
N7 CA0 C . -7.21 0.05 1.06
C8 CA0 C . -7.32 -0.85 2.07
N9 CA0 C . -8.36 -0.51 2.85
PA CA0 C . -4.84 -3.58 7.33
CB CA0 C . -6.18 -5.33 8.99
C1' CA0 C . -8.87 -1.18 4.02
O1A CA0 C . -3.97 -3.83 6.14
O1B CA0 C . -7.39 -5.60 8.89
C2' CA0 C . -9.69 -2.44 3.72
O2' CA0 C . -11.05 -2.14 3.59
O2A CA0 C . -4.28 -2.88 8.53
N2B CA0 C . -5.55 -5.35 10.16
C3' CA0 C . -9.34 -3.39 4.88
O3' CA0 C . -10.46 -3.55 5.74
O3A CA0 C . -5.41 -5.03 7.77
C4' CA0 C . -8.22 -2.68 5.64
O4' CA0 C . -7.78 -1.61 4.80
C5' CA0 C . -7.06 -3.54 5.98
O5' CA0 C . -6.18 -2.88 6.87
S SO4 D . -2.03 2.59 -10.48
O1 SO4 D . -2.09 3.03 -11.88
O2 SO4 D . -3.28 1.94 -10.14
O3 SO4 D . -1.82 3.73 -9.59
O4 SO4 D . -0.89 1.69 -10.39
S SO4 E . -4.62 -4.99 -10.95
O1 SO4 E . -5.84 -4.93 -11.77
O2 SO4 E . -4.94 -4.62 -9.58
O3 SO4 E . -4.06 -6.33 -10.99
O4 SO4 E . -3.61 -4.05 -11.47
C1 EDO F . -6.44 10.34 -14.23
O1 EDO F . -6.15 9.23 -15.09
C2 EDO F . -6.95 11.51 -15.08
O2 EDO F . -8.00 11.01 -15.91
C1 EDO G . 13.75 7.52 18.77
O1 EDO G . 13.60 7.77 17.37
C2 EDO G . 12.39 7.62 19.46
O2 EDO G . 11.85 8.93 19.22
C1 EDO H . -0.37 5.48 -27.47
O1 EDO H . -0.67 5.39 -28.86
C2 EDO H . -1.49 6.23 -26.77
O2 EDO H . -1.38 7.62 -27.11
#